data_2FAV
#
_entry.id   2FAV
#
_cell.length_a   37.451
_cell.length_b   55.553
_cell.length_c   108.926
_cell.angle_alpha   90.00
_cell.angle_beta   91.39
_cell.angle_gamma   90.00
#
_symmetry.space_group_name_H-M   'P 1 21 1'
#
loop_
_entity.id
_entity.type
_entity.pdbx_description
1 polymer 'Replicase polyprotein 1ab (pp1ab) (ORF1AB)'
2 non-polymer ADENOSINE-5-DIPHOSPHORIBOSE
3 water water
#
_entity_poly.entity_id   1
_entity_poly.type   'polypeptide(L)'
_entity_poly.pdbx_seq_one_letter_code
;HHHHHHEEPVNQFTGYLKLTDNVAIKCVDIVKEAQSANP(MSE)VIVNAANIHLKHGGGVAGALNKATNGA(MSE)QKES
DDYIKLNGPLTVGGSCLLSGHNLAKKCLHVVGPNLNAGEDIQLLKAAYENFNSQDILLAPLLSAGIFGAKPLQSLQVCVQ
TVRTQVYIAVNDKALYEQVV(MSE)DYLDNLK
;
_entity_poly.pdbx_strand_id   A,B,C
#
loop_
_chem_comp.id
_chem_comp.type
_chem_comp.name
_chem_comp.formula
APR non-polymer ADENOSINE-5-DIPHOSPHORIBOSE 'C15 H23 N5 O14 P2'
#
# COMPACT_ATOMS: atom_id res chain seq x y z
N GLU A 8 29.20 23.93 -16.05
CA GLU A 8 30.10 23.65 -17.21
C GLU A 8 31.02 22.42 -17.07
N PRO A 9 31.55 22.11 -15.85
CA PRO A 9 32.26 20.82 -15.83
C PRO A 9 31.34 19.64 -16.21
N VAL A 10 31.86 18.71 -17.01
CA VAL A 10 31.07 17.58 -17.48
C VAL A 10 31.49 16.28 -16.79
N ASN A 11 30.64 15.24 -16.92
CA ASN A 11 30.96 13.93 -16.38
C ASN A 11 31.28 13.98 -14.89
N GLN A 12 30.46 14.67 -14.13
CA GLN A 12 30.69 14.83 -12.69
C GLN A 12 30.03 13.68 -11.92
N PHE A 13 30.54 12.46 -12.13
CA PHE A 13 29.96 11.26 -11.55
C PHE A 13 30.52 11.04 -10.15
N THR A 14 29.63 10.87 -9.19
CA THR A 14 30.05 10.66 -7.81
C THR A 14 29.10 9.74 -7.08
N GLY A 15 29.60 9.06 -6.05
CA GLY A 15 28.75 8.22 -5.20
C GLY A 15 28.42 6.87 -5.81
N TYR A 16 29.17 6.51 -6.85
CA TYR A 16 28.92 5.23 -7.50
C TYR A 16 29.63 4.06 -6.82
N LEU A 17 29.01 2.89 -6.99
CA LEU A 17 29.70 1.64 -6.72
C LEU A 17 30.29 1.11 -8.03
N LYS A 18 31.61 0.98 -8.05
CA LYS A 18 32.31 0.41 -9.23
C LYS A 18 32.30 -1.12 -9.15
N LEU A 19 31.46 -1.73 -9.97
CA LEU A 19 31.30 -3.18 -9.99
C LEU A 19 32.50 -3.86 -10.67
N THR A 20 33.01 -3.20 -11.70
CA THR A 20 34.20 -3.60 -12.43
C THR A 20 34.93 -2.30 -12.73
N ASP A 21 36.05 -2.38 -13.44
CA ASP A 21 36.73 -1.15 -13.75
C ASP A 21 35.95 -0.33 -14.78
N ASN A 22 35.01 -0.95 -15.51
CA ASN A 22 34.17 -0.26 -16.54
C ASN A 22 32.72 0.12 -16.16
N VAL A 23 32.13 -0.58 -15.18
CA VAL A 23 30.70 -0.48 -14.94
C VAL A 23 30.47 -0.06 -13.49
N ALA A 24 29.72 1.02 -13.32
CA ALA A 24 29.46 1.59 -12.00
C ALA A 24 27.95 1.75 -11.83
N ILE A 25 27.46 1.64 -10.60
CA ILE A 25 26.01 1.75 -10.36
C ILE A 25 25.66 2.69 -9.19
N LYS A 26 24.54 3.41 -9.34
CA LYS A 26 24.05 4.29 -8.28
C LYS A 26 22.54 4.21 -8.25
N CYS A 27 21.97 4.32 -7.05
CA CYS A 27 20.51 4.21 -6.86
C CYS A 27 19.95 5.63 -6.90
N VAL A 28 19.51 6.07 -8.09
CA VAL A 28 19.14 7.45 -8.34
C VAL A 28 18.27 7.49 -9.61
N ASP A 29 17.36 8.47 -9.66
CA ASP A 29 16.59 8.75 -10.87
C ASP A 29 17.53 9.30 -11.99
N ILE A 30 17.44 8.75 -13.21
CA ILE A 30 18.39 9.11 -14.28
C ILE A 30 18.30 10.61 -14.67
N VAL A 31 17.10 11.21 -14.65
CA VAL A 31 17.00 12.64 -14.96
C VAL A 31 17.66 13.54 -13.88
N LYS A 32 17.41 13.22 -12.61
CA LYS A 32 18.09 13.86 -11.49
C LYS A 32 19.59 13.72 -11.66
N GLU A 33 20.05 12.52 -11.95
CA GLU A 33 21.47 12.27 -12.13
C GLU A 33 22.07 13.00 -13.32
N ALA A 34 21.34 13.12 -14.44
CA ALA A 34 21.82 13.93 -15.58
C ALA A 34 22.05 15.38 -15.14
N GLN A 35 21.17 15.89 -14.28
CA GLN A 35 21.29 17.28 -13.83
C GLN A 35 22.53 17.44 -12.95
N SER A 36 22.76 16.48 -12.07
CA SER A 36 23.94 16.49 -11.17
C SER A 36 25.25 16.23 -11.91
N ALA A 37 25.27 15.30 -12.84
CA ALA A 37 26.54 14.84 -13.46
C ALA A 37 26.93 15.60 -14.71
N ASN A 38 25.97 16.28 -15.34
CA ASN A 38 26.26 16.96 -16.59
C ASN A 38 27.02 16.03 -17.57
N PRO A 39 26.43 14.86 -17.91
CA PRO A 39 27.20 13.93 -18.75
C PRO A 39 27.39 14.40 -20.18
N MSE A 40 28.48 13.96 -20.80
CA MSE A 40 28.65 14.16 -22.24
C MSE A 40 27.63 13.33 -23.02
O MSE A 40 27.13 13.75 -24.07
CB MSE A 40 30.06 13.83 -22.67
CG MSE A 40 31.08 14.85 -22.19
SE MSE A 40 30.88 16.50 -23.25
CE MSE A 40 31.76 15.79 -24.96
N VAL A 41 27.32 12.13 -22.51
CA VAL A 41 26.46 11.20 -23.24
C VAL A 41 25.44 10.61 -22.28
N ILE A 42 24.17 10.65 -22.65
CA ILE A 42 23.12 9.91 -21.92
C ILE A 42 22.57 8.86 -22.89
N VAL A 43 22.26 7.67 -22.37
CA VAL A 43 21.60 6.63 -23.16
C VAL A 43 20.12 6.68 -22.93
N ASN A 44 19.36 6.67 -24.04
CA ASN A 44 17.93 6.50 -23.95
C ASN A 44 17.56 5.04 -24.25
N ALA A 45 16.61 4.49 -23.49
CA ALA A 45 16.12 3.13 -23.78
C ALA A 45 14.97 3.25 -24.76
N ALA A 46 15.31 3.22 -26.04
CA ALA A 46 14.37 3.58 -27.11
C ALA A 46 13.65 2.36 -27.68
N ASN A 47 12.65 2.64 -28.49
CA ASN A 47 12.14 1.60 -29.41
C ASN A 47 12.58 1.94 -30.83
N ILE A 48 12.41 1.01 -31.78
CA ILE A 48 12.94 1.24 -33.13
C ILE A 48 12.31 2.44 -33.84
N HIS A 49 11.08 2.81 -33.47
CA HIS A 49 10.42 3.95 -34.10
C HIS A 49 10.72 5.31 -33.42
N LEU A 50 11.60 5.27 -32.42
CA LEU A 50 11.93 6.45 -31.60
C LEU A 50 10.66 7.17 -31.14
N LYS A 51 9.64 6.42 -30.72
CA LYS A 51 8.42 7.03 -30.12
C LYS A 51 8.67 7.08 -28.61
N HIS A 52 9.00 8.27 -28.10
CA HIS A 52 9.54 8.42 -26.73
C HIS A 52 8.44 8.65 -25.72
N GLY A 53 7.74 7.58 -25.46
CA GLY A 53 6.72 7.59 -24.43
C GLY A 53 6.91 6.35 -23.59
N GLY A 54 6.55 6.46 -22.31
CA GLY A 54 6.67 5.35 -21.40
C GLY A 54 8.06 5.17 -20.83
N GLY A 55 8.11 4.61 -19.61
CA GLY A 55 9.38 4.34 -18.91
C GLY A 55 10.44 5.41 -19.07
N VAL A 56 11.67 5.00 -19.37
CA VAL A 56 12.81 5.95 -19.45
C VAL A 56 12.62 6.95 -20.59
N ALA A 57 12.26 6.46 -21.76
CA ALA A 57 12.12 7.28 -22.95
C ALA A 57 11.16 8.47 -22.71
N GLY A 58 10.02 8.21 -22.09
CA GLY A 58 9.06 9.27 -21.78
C GLY A 58 9.63 10.28 -20.79
N ALA A 59 10.36 9.79 -19.79
CA ALA A 59 10.95 10.67 -18.76
C ALA A 59 11.96 11.59 -19.40
N LEU A 60 12.83 11.02 -20.22
CA LEU A 60 13.84 11.84 -20.88
C LEU A 60 13.18 12.85 -21.82
N ASN A 61 12.23 12.38 -22.64
CA ASN A 61 11.61 13.31 -23.60
C ASN A 61 10.91 14.45 -22.85
N LYS A 62 10.18 14.11 -21.76
CA LYS A 62 9.54 15.17 -20.92
C LYS A 62 10.56 16.18 -20.38
N ALA A 63 11.71 15.71 -19.91
CA ALA A 63 12.74 16.58 -19.38
C ALA A 63 13.23 17.56 -20.45
N THR A 64 13.15 17.14 -21.73
CA THR A 64 13.52 18.00 -22.86
C THR A 64 12.39 18.86 -23.44
N ASN A 65 11.24 18.87 -22.78
CA ASN A 65 10.05 19.56 -23.25
C ASN A 65 9.66 19.19 -24.70
N GLY A 66 9.86 17.91 -25.03
CA GLY A 66 9.55 17.34 -26.33
C GLY A 66 10.56 17.63 -27.43
N ALA A 67 11.65 18.31 -27.12
CA ALA A 67 12.68 18.57 -28.14
C ALA A 67 13.25 17.24 -28.67
N MSE A 68 13.43 16.27 -27.77
CA MSE A 68 13.93 14.94 -28.15
C MSE A 68 13.01 14.28 -29.19
O MSE A 68 13.47 13.73 -30.20
CB MSE A 68 14.07 14.02 -26.94
CG MSE A 68 14.57 12.63 -27.31
SE MSE A 68 14.82 11.64 -25.62
CE MSE A 68 16.45 12.45 -25.10
N GLN A 69 11.72 14.37 -28.97
CA GLN A 69 10.78 13.77 -29.90
C GLN A 69 10.80 14.45 -31.24
N LYS A 70 10.92 15.77 -31.24
CA LYS A 70 10.91 16.55 -32.49
C LYS A 70 12.11 16.10 -33.36
N GLU A 71 13.30 16.04 -32.75
CA GLU A 71 14.52 15.65 -33.46
C GLU A 71 14.39 14.20 -33.95
N SER A 72 13.84 13.34 -33.09
CA SER A 72 13.65 11.92 -33.39
C SER A 72 12.64 11.74 -34.55
N ASP A 73 11.56 12.52 -34.56
CA ASP A 73 10.62 12.50 -35.71
C ASP A 73 11.34 12.85 -37.02
N ASP A 74 12.20 13.87 -36.98
CA ASP A 74 12.96 14.28 -38.18
C ASP A 74 13.90 13.14 -38.64
N TYR A 75 14.57 12.54 -37.67
CA TYR A 75 15.44 11.39 -37.92
C TYR A 75 14.67 10.27 -38.61
N ILE A 76 13.54 9.86 -38.05
CA ILE A 76 12.72 8.78 -38.62
C ILE A 76 12.27 9.13 -40.06
N LYS A 77 11.76 10.34 -40.25
CA LYS A 77 11.40 10.83 -41.60
C LYS A 77 12.51 10.61 -42.64
N LEU A 78 13.74 11.01 -42.31
CA LEU A 78 14.85 10.98 -43.27
C LEU A 78 15.50 9.63 -43.36
N ASN A 79 15.50 8.88 -42.25
CA ASN A 79 16.37 7.71 -42.13
C ASN A 79 15.64 6.40 -41.85
N GLY A 80 14.36 6.49 -41.49
CA GLY A 80 13.58 5.35 -41.04
C GLY A 80 13.98 4.72 -39.69
N PRO A 81 13.24 3.68 -39.28
CA PRO A 81 13.41 3.06 -37.96
C PRO A 81 14.77 2.36 -37.78
N LEU A 82 15.13 2.20 -36.50
CA LEU A 82 16.30 1.46 -36.09
C LEU A 82 15.98 -0.03 -36.18
N THR A 83 16.97 -0.85 -35.81
CA THR A 83 16.78 -2.27 -35.65
C THR A 83 16.97 -2.61 -34.19
N VAL A 84 16.25 -3.63 -33.71
CA VAL A 84 16.43 -4.05 -32.31
C VAL A 84 17.87 -4.50 -32.11
N GLY A 85 18.52 -3.94 -31.08
CA GLY A 85 19.94 -4.16 -30.85
C GLY A 85 20.80 -3.04 -31.47
N GLY A 86 20.17 -2.12 -32.21
CA GLY A 86 20.88 -1.02 -32.89
C GLY A 86 20.78 0.29 -32.10
N SER A 87 21.43 1.32 -32.59
CA SER A 87 21.36 2.62 -31.96
C SER A 87 21.59 3.75 -32.96
N CYS A 88 21.18 4.94 -32.57
CA CYS A 88 21.65 6.13 -33.29
C CYS A 88 22.03 7.19 -32.27
N LEU A 89 22.93 8.07 -32.70
CA LEU A 89 23.40 9.14 -31.86
C LEU A 89 22.68 10.41 -32.28
N LEU A 90 22.03 11.06 -31.31
CA LEU A 90 21.27 12.29 -31.54
C LEU A 90 21.70 13.35 -30.48
N SER A 91 21.10 14.54 -30.52
CA SER A 91 21.36 15.56 -29.52
C SER A 91 20.94 15.03 -28.13
N GLY A 92 21.67 15.41 -27.10
CA GLY A 92 21.19 15.13 -25.72
C GLY A 92 20.41 16.32 -25.15
N HIS A 93 20.23 17.36 -25.95
CA HIS A 93 19.44 18.52 -25.54
C HIS A 93 19.91 19.07 -24.19
N ASN A 94 19.01 19.23 -23.25
CA ASN A 94 19.38 19.82 -21.96
C ASN A 94 19.85 18.78 -20.94
N LEU A 95 19.83 17.50 -21.32
CA LEU A 95 20.21 16.42 -20.41
C LEU A 95 21.73 16.17 -20.48
N ALA A 96 22.28 16.26 -21.69
CA ALA A 96 23.65 15.84 -21.98
C ALA A 96 24.03 16.46 -23.31
N LYS A 97 25.29 16.38 -23.69
CA LYS A 97 25.66 16.85 -25.03
C LYS A 97 24.98 15.99 -26.10
N LYS A 98 25.06 14.68 -25.92
CA LYS A 98 24.65 13.67 -26.89
C LYS A 98 23.69 12.69 -26.23
N CYS A 99 22.73 12.20 -26.99
CA CYS A 99 21.93 11.06 -26.55
C CYS A 99 22.15 9.87 -27.46
N LEU A 100 22.59 8.75 -26.89
CA LEU A 100 22.69 7.50 -27.67
C LEU A 100 21.39 6.73 -27.49
N HIS A 101 20.54 6.72 -28.51
CA HIS A 101 19.28 5.96 -28.44
C HIS A 101 19.54 4.50 -28.73
N VAL A 102 19.39 3.61 -27.75
CA VAL A 102 19.75 2.21 -27.96
C VAL A 102 18.47 1.38 -27.79
N VAL A 103 18.23 0.45 -28.72
CA VAL A 103 17.01 -0.35 -28.65
C VAL A 103 17.33 -1.72 -28.07
N GLY A 104 16.95 -1.97 -26.83
CA GLY A 104 17.06 -3.31 -26.23
C GLY A 104 15.83 -4.08 -26.63
N PRO A 105 15.90 -5.43 -26.51
CA PRO A 105 14.76 -6.28 -26.89
C PRO A 105 13.57 -6.05 -25.98
N ASN A 106 12.37 -6.07 -26.53
CA ASN A 106 11.18 -6.05 -25.67
C ASN A 106 10.70 -7.49 -25.52
N LEU A 107 10.98 -8.09 -24.37
CA LEU A 107 10.56 -9.47 -24.12
C LEU A 107 9.04 -9.63 -24.14
N ASN A 108 8.32 -8.60 -23.75
CA ASN A 108 6.87 -8.64 -23.78
C ASN A 108 6.33 -8.52 -25.21
N ALA A 109 7.20 -8.18 -26.16
CA ALA A 109 6.86 -8.22 -27.61
C ALA A 109 7.46 -9.48 -28.26
N GLY A 110 7.94 -10.41 -27.43
CA GLY A 110 8.51 -11.66 -27.91
C GLY A 110 9.89 -11.53 -28.55
N GLU A 111 10.62 -10.46 -28.24
CA GLU A 111 11.97 -10.24 -28.82
C GLU A 111 12.98 -11.01 -28.00
N ASP A 112 14.01 -11.52 -28.65
CA ASP A 112 14.96 -12.40 -27.97
C ASP A 112 15.87 -11.63 -27.01
N ILE A 113 15.98 -12.11 -25.77
CA ILE A 113 16.73 -11.42 -24.71
C ILE A 113 18.24 -11.34 -25.02
N GLN A 114 18.71 -12.27 -25.86
CA GLN A 114 20.10 -12.29 -26.30
C GLN A 114 20.48 -11.04 -27.11
N LEU A 115 19.47 -10.36 -27.67
CA LEU A 115 19.70 -9.09 -28.35
C LEU A 115 20.20 -7.99 -27.44
N LEU A 116 20.15 -8.24 -26.14
CA LEU A 116 20.73 -7.32 -25.17
C LEU A 116 22.26 -7.22 -25.35
N LYS A 117 22.89 -8.27 -25.87
CA LYS A 117 24.33 -8.20 -26.14
C LYS A 117 24.61 -7.16 -27.22
N ALA A 118 23.95 -7.30 -28.37
CA ALA A 118 24.04 -6.29 -29.44
C ALA A 118 23.70 -4.89 -28.91
N ALA A 119 22.64 -4.77 -28.11
CA ALA A 119 22.17 -3.47 -27.58
C ALA A 119 23.34 -2.84 -26.76
N TYR A 120 23.86 -3.58 -25.77
CA TYR A 120 24.98 -3.05 -24.96
C TYR A 120 26.30 -2.81 -25.73
N GLU A 121 26.54 -3.57 -26.79
CA GLU A 121 27.71 -3.28 -27.64
C GLU A 121 27.74 -1.85 -28.18
N ASN A 122 26.58 -1.27 -28.43
CA ASN A 122 26.50 0.13 -28.82
C ASN A 122 27.18 1.08 -27.83
N PHE A 123 27.21 0.73 -26.55
CA PHE A 123 27.81 1.61 -25.54
C PHE A 123 29.31 1.81 -25.79
N ASN A 124 29.93 0.80 -26.42
CA ASN A 124 31.34 0.85 -26.76
C ASN A 124 31.74 1.93 -27.76
N SER A 125 30.76 2.57 -28.40
CA SER A 125 31.01 3.65 -29.34
C SER A 125 31.22 5.05 -28.67
N GLN A 126 31.03 5.13 -27.36
CA GLN A 126 31.28 6.38 -26.64
C GLN A 126 32.14 6.07 -25.46
N ASP A 127 32.97 7.04 -25.09
CA ASP A 127 33.99 6.81 -24.08
C ASP A 127 33.45 6.71 -22.66
N ILE A 128 32.47 7.57 -22.36
CA ILE A 128 31.86 7.69 -21.02
C ILE A 128 30.36 7.98 -21.19
N LEU A 129 29.53 7.22 -20.48
CA LEU A 129 28.08 7.27 -20.68
C LEU A 129 27.33 7.19 -19.38
N LEU A 130 26.22 7.95 -19.29
CA LEU A 130 25.22 7.74 -18.18
C LEU A 130 24.06 6.96 -18.78
N ALA A 131 23.69 5.86 -18.15
CA ALA A 131 22.66 5.00 -18.76
C ALA A 131 21.74 4.39 -17.76
N PRO A 132 20.51 4.03 -18.21
CA PRO A 132 19.64 3.13 -17.48
C PRO A 132 20.02 1.69 -17.88
N LEU A 133 19.48 0.69 -17.17
CA LEU A 133 19.56 -0.70 -17.62
C LEU A 133 18.58 -0.86 -18.76
N LEU A 134 18.99 -1.55 -19.80
CA LEU A 134 18.12 -1.72 -20.96
C LEU A 134 17.12 -2.87 -20.72
N SER A 135 15.97 -2.77 -21.39
CA SER A 135 14.93 -3.84 -21.40
C SER A 135 14.33 -4.07 -20.03
N ALA A 136 14.48 -3.09 -19.14
CA ALA A 136 13.78 -3.11 -17.87
C ALA A 136 12.34 -2.54 -17.97
N GLY A 137 11.67 -2.42 -16.83
CA GLY A 137 10.27 -1.94 -16.80
C GLY A 137 9.41 -2.89 -17.62
N ILE A 138 8.53 -2.32 -18.43
CA ILE A 138 7.62 -3.18 -19.21
C ILE A 138 8.24 -3.82 -20.45
N PHE A 139 9.52 -3.51 -20.74
CA PHE A 139 10.26 -4.33 -21.71
C PHE A 139 10.50 -5.75 -21.22
N GLY A 140 10.33 -5.98 -19.93
CA GLY A 140 10.15 -7.34 -19.45
C GLY A 140 11.38 -8.16 -19.09
N ALA A 141 12.58 -7.60 -19.24
CA ALA A 141 13.79 -8.32 -18.75
C ALA A 141 13.98 -8.10 -17.26
N LYS A 142 14.42 -9.12 -16.54
CA LYS A 142 14.76 -8.94 -15.12
C LYS A 142 16.02 -8.05 -15.09
N PRO A 143 15.99 -6.96 -14.30
CA PRO A 143 17.08 -5.98 -14.33
C PRO A 143 18.42 -6.58 -13.94
N LEU A 144 18.41 -7.53 -13.00
CA LEU A 144 19.69 -8.15 -12.63
C LEU A 144 20.33 -8.85 -13.84
N GLN A 145 19.49 -9.43 -14.71
CA GLN A 145 20.00 -10.12 -15.92
C GLN A 145 20.51 -9.09 -16.92
N SER A 146 19.78 -7.99 -17.07
CA SER A 146 20.22 -6.89 -17.92
C SER A 146 21.58 -6.37 -17.41
N LEU A 147 21.72 -6.23 -16.09
CA LEU A 147 23.01 -5.77 -15.55
C LEU A 147 24.12 -6.74 -15.88
N GLN A 148 23.84 -8.03 -15.79
CA GLN A 148 24.89 -9.03 -16.02
C GLN A 148 25.38 -8.94 -17.46
N VAL A 149 24.47 -8.71 -18.40
CA VAL A 149 24.88 -8.60 -19.80
C VAL A 149 25.71 -7.33 -20.03
N CYS A 150 25.30 -6.25 -19.39
CA CYS A 150 26.04 -5.01 -19.47
C CYS A 150 27.50 -5.21 -19.00
N VAL A 151 27.67 -5.83 -17.82
CA VAL A 151 29.01 -6.11 -17.27
C VAL A 151 29.88 -6.98 -18.19
N GLN A 152 29.25 -7.96 -18.85
CA GLN A 152 29.97 -8.84 -19.77
C GLN A 152 30.34 -8.18 -21.10
N THR A 153 29.65 -7.10 -21.47
CA THR A 153 29.69 -6.62 -22.85
C THR A 153 30.36 -5.24 -22.96
N VAL A 154 30.09 -4.35 -22.00
CA VAL A 154 30.52 -2.97 -22.13
C VAL A 154 32.00 -2.87 -21.77
N ARG A 155 32.78 -2.18 -22.61
CA ARG A 155 34.23 -2.04 -22.42
C ARG A 155 34.62 -0.58 -22.13
N THR A 156 33.73 0.37 -22.37
CA THR A 156 33.97 1.77 -22.07
C THR A 156 33.40 2.11 -20.67
N GLN A 157 33.38 3.39 -20.29
CA GLN A 157 33.02 3.66 -18.88
C GLN A 157 31.52 3.95 -18.84
N VAL A 158 30.74 3.10 -18.21
CA VAL A 158 29.32 3.34 -18.11
C VAL A 158 28.91 3.53 -16.67
N TYR A 159 28.13 4.58 -16.45
CA TYR A 159 27.57 4.87 -15.15
C TYR A 159 26.10 4.59 -15.22
N ILE A 160 25.66 3.65 -14.40
CA ILE A 160 24.28 3.15 -14.50
C ILE A 160 23.46 3.73 -13.36
N ALA A 161 22.31 4.32 -13.70
CA ALA A 161 21.43 4.90 -12.70
C ALA A 161 20.22 4.01 -12.61
N VAL A 162 19.93 3.51 -11.41
CA VAL A 162 18.75 2.64 -11.28
C VAL A 162 17.86 3.27 -10.20
N ASN A 163 16.56 3.39 -10.45
CA ASN A 163 15.65 3.81 -9.37
C ASN A 163 14.94 2.54 -8.87
N ASP A 164 15.70 1.66 -8.21
CA ASP A 164 15.19 0.35 -7.87
C ASP A 164 15.98 -0.10 -6.64
N LYS A 165 15.43 0.17 -5.46
CA LYS A 165 16.14 -0.15 -4.25
C LYS A 165 16.38 -1.65 -4.12
N ALA A 166 15.36 -2.46 -4.43
CA ALA A 166 15.50 -3.91 -4.37
C ALA A 166 16.67 -4.40 -5.23
N LEU A 167 16.77 -3.86 -6.44
CA LEU A 167 17.81 -4.31 -7.35
C LEU A 167 19.17 -3.86 -6.80
N TYR A 168 19.23 -2.57 -6.42
CA TYR A 168 20.48 -1.99 -6.00
C TYR A 168 21.00 -2.78 -4.79
N GLU A 169 20.13 -3.11 -3.83
CA GLU A 169 20.67 -3.79 -2.63
C GLU A 169 21.11 -5.21 -2.93
N GLN A 170 20.47 -5.84 -3.90
CA GLN A 170 20.94 -7.14 -4.36
C GLN A 170 22.31 -7.06 -5.08
N VAL A 171 22.47 -6.03 -5.90
CA VAL A 171 23.72 -5.81 -6.65
C VAL A 171 24.86 -5.58 -5.62
N VAL A 172 24.56 -4.84 -4.59
CA VAL A 172 25.52 -4.59 -3.52
C VAL A 172 25.87 -5.90 -2.82
N MSE A 173 24.86 -6.67 -2.46
CA MSE A 173 25.13 -8.01 -1.85
C MSE A 173 26.02 -8.89 -2.75
O MSE A 173 26.96 -9.48 -2.26
CB MSE A 173 23.80 -8.71 -1.53
CG MSE A 173 23.95 -9.89 -0.60
SE MSE A 173 24.60 -9.24 1.17
CE MSE A 173 23.00 -8.20 1.77
N ASP A 174 25.75 -8.92 -4.04
CA ASP A 174 26.56 -9.67 -5.03
C ASP A 174 28.02 -9.17 -5.08
N TYR A 175 28.19 -7.86 -5.09
CA TYR A 175 29.53 -7.24 -5.02
C TYR A 175 30.30 -7.70 -3.76
N LEU A 176 29.67 -7.63 -2.60
CA LEU A 176 30.29 -8.05 -1.33
C LEU A 176 30.66 -9.52 -1.36
N ASP A 177 29.74 -10.34 -1.88
CA ASP A 177 30.03 -11.77 -2.00
C ASP A 177 31.20 -12.10 -2.94
N ASN A 178 31.45 -11.22 -3.89
CA ASN A 178 32.49 -11.44 -4.87
C ASN A 178 33.86 -10.87 -4.49
N LEU A 179 33.95 -10.10 -3.41
CA LEU A 179 35.24 -9.53 -2.98
C LEU A 179 36.26 -10.57 -2.56
N PRO B 9 9.41 -13.51 -18.79
CA PRO B 9 9.27 -12.05 -18.94
C PRO B 9 8.47 -11.48 -17.79
N VAL B 10 8.87 -10.32 -17.31
CA VAL B 10 8.23 -9.74 -16.13
C VAL B 10 7.39 -8.52 -16.50
N ASN B 11 6.59 -8.04 -15.55
CA ASN B 11 5.84 -6.79 -15.76
C ASN B 11 5.00 -6.79 -17.05
N GLN B 12 4.28 -7.89 -17.27
CA GLN B 12 3.41 -8.04 -18.42
C GLN B 12 2.06 -7.34 -18.15
N PHE B 13 2.07 -6.04 -17.93
CA PHE B 13 0.85 -5.29 -17.67
C PHE B 13 0.10 -4.98 -18.94
N THR B 14 -1.20 -5.24 -18.95
CA THR B 14 -2.03 -5.01 -20.12
C THR B 14 -3.47 -4.69 -19.70
N GLY B 15 -4.16 -3.93 -20.54
CA GLY B 15 -5.59 -3.67 -20.32
C GLY B 15 -5.84 -2.58 -19.30
N TYR B 16 -4.82 -1.75 -19.04
CA TYR B 16 -4.98 -0.64 -18.07
C TYR B 16 -5.51 0.64 -18.71
N LEU B 17 -6.13 1.46 -17.87
CA LEU B 17 -6.39 2.86 -18.17
C LEU B 17 -5.28 3.73 -17.52
N LYS B 18 -4.54 4.43 -18.38
CA LYS B 18 -3.47 5.31 -17.91
C LYS B 18 -4.10 6.65 -17.53
N LEU B 19 -4.21 6.86 -16.24
CA LEU B 19 -4.76 8.11 -15.71
C LEU B 19 -3.77 9.25 -15.88
N THR B 20 -2.50 8.94 -15.64
CA THR B 20 -1.42 9.90 -15.97
C THR B 20 -0.32 9.08 -16.63
N ASP B 21 0.80 9.72 -16.96
CA ASP B 21 1.87 8.94 -17.63
C ASP B 21 2.54 7.92 -16.71
N ASN B 22 2.30 7.98 -15.40
CA ASN B 22 2.87 7.00 -14.47
C ASN B 22 1.89 6.19 -13.59
N VAL B 23 0.61 6.52 -13.62
CA VAL B 23 -0.39 5.85 -12.80
C VAL B 23 -1.42 5.23 -13.73
N ALA B 24 -1.62 3.93 -13.58
CA ALA B 24 -2.56 3.18 -14.41
C ALA B 24 -3.48 2.38 -13.50
N ILE B 25 -4.70 2.11 -13.98
CA ILE B 25 -5.68 1.41 -13.16
C ILE B 25 -6.44 0.33 -13.98
N LYS B 26 -6.73 -0.78 -13.33
CA LYS B 26 -7.46 -1.88 -13.93
C LYS B 26 -8.37 -2.49 -12.86
N CYS B 27 -9.54 -2.95 -13.29
CA CYS B 27 -10.49 -3.57 -12.36
C CYS B 27 -10.27 -5.06 -12.39
N VAL B 28 -9.54 -5.56 -11.39
CA VAL B 28 -9.04 -6.93 -11.40
C VAL B 28 -8.66 -7.30 -9.98
N ASP B 29 -8.79 -8.57 -9.65
CA ASP B 29 -8.30 -9.06 -8.36
C ASP B 29 -6.78 -8.98 -8.38
N ILE B 30 -6.18 -8.48 -7.30
CA ILE B 30 -4.74 -8.21 -7.31
C ILE B 30 -3.95 -9.52 -7.43
N VAL B 31 -4.46 -10.65 -6.90
CA VAL B 31 -3.75 -11.94 -7.01
C VAL B 31 -3.77 -12.45 -8.45
N LYS B 32 -4.95 -12.38 -9.07
CA LYS B 32 -5.09 -12.79 -10.48
C LYS B 32 -4.18 -11.95 -11.33
N GLU B 33 -4.13 -10.65 -11.03
CA GLU B 33 -3.26 -9.76 -11.82
C GLU B 33 -1.79 -10.06 -11.58
N ALA B 34 -1.42 -10.36 -10.33
CA ALA B 34 -0.03 -10.77 -10.07
C ALA B 34 0.29 -11.99 -10.89
N GLN B 35 -0.65 -12.93 -10.92
CA GLN B 35 -0.46 -14.17 -11.68
C GLN B 35 -0.26 -13.97 -13.15
N SER B 36 -1.04 -13.07 -13.76
CA SER B 36 -0.82 -12.77 -15.17
C SER B 36 0.29 -11.75 -15.50
N ALA B 37 0.54 -10.78 -14.62
CA ALA B 37 1.53 -9.73 -14.93
C ALA B 37 2.96 -10.14 -14.62
N ASN B 38 3.14 -11.13 -13.74
CA ASN B 38 4.47 -11.47 -13.26
C ASN B 38 5.31 -10.24 -12.81
N PRO B 39 4.79 -9.44 -11.85
CA PRO B 39 5.50 -8.19 -11.54
C PRO B 39 6.80 -8.45 -10.74
N MSE B 40 7.75 -7.52 -10.88
CA MSE B 40 8.96 -7.54 -10.05
C MSE B 40 8.57 -7.24 -8.59
O MSE B 40 9.10 -7.87 -7.69
CB MSE B 40 10.00 -6.56 -10.55
CG MSE B 40 10.63 -6.99 -11.86
SE MSE B 40 11.67 -8.67 -11.66
CE MSE B 40 12.97 -7.93 -10.22
N VAL B 41 7.65 -6.31 -8.39
CA VAL B 41 7.29 -5.87 -7.05
C VAL B 41 5.79 -5.70 -6.89
N ILE B 42 5.26 -6.27 -5.81
CA ILE B 42 3.86 -6.11 -5.45
C ILE B 42 3.78 -5.34 -4.13
N VAL B 43 2.81 -4.45 -4.02
CA VAL B 43 2.56 -3.73 -2.77
C VAL B 43 1.46 -4.40 -1.99
N ASN B 44 1.70 -4.58 -0.68
CA ASN B 44 0.68 -4.99 0.25
C ASN B 44 0.17 -3.79 1.08
N ALA B 45 -1.14 -3.74 1.36
CA ALA B 45 -1.65 -2.68 2.22
C ALA B 45 -1.69 -3.33 3.62
N ALA B 46 -0.72 -3.00 4.43
CA ALA B 46 -0.46 -3.71 5.68
C ALA B 46 -0.86 -2.93 6.94
N ASN B 47 -0.82 -3.60 8.09
CA ASN B 47 -0.80 -2.94 9.37
C ASN B 47 0.59 -3.04 10.01
N ILE B 48 0.82 -2.29 11.10
CA ILE B 48 2.17 -2.20 11.64
C ILE B 48 2.76 -3.51 12.20
N HIS B 49 1.90 -4.49 12.47
CA HIS B 49 2.34 -5.83 12.92
C HIS B 49 2.43 -6.86 11.82
N LEU B 50 2.09 -6.45 10.61
CA LEU B 50 2.12 -7.31 9.44
C LEU B 50 1.28 -8.55 9.69
N LYS B 51 0.14 -8.35 10.37
CA LYS B 51 -0.81 -9.45 10.52
C LYS B 51 -1.83 -9.33 9.39
N HIS B 52 -1.73 -10.22 8.44
CA HIS B 52 -2.47 -10.14 7.17
C HIS B 52 -3.89 -10.67 7.27
N GLY B 53 -4.85 -9.76 7.47
N GLY B 53 -4.81 -9.79 7.64
CA GLY B 53 -6.23 -10.13 7.85
CA GLY B 53 -6.20 -10.22 7.78
C GLY B 53 -7.34 -10.46 6.85
C GLY B 53 -7.02 -9.89 6.56
N GLY B 54 -7.76 -9.49 6.04
N GLY B 54 -8.07 -9.13 6.75
CA GLY B 54 -8.98 -9.63 5.24
CA GLY B 54 -8.93 -8.87 5.65
C GLY B 54 -8.84 -9.27 3.78
C GLY B 54 -8.14 -8.37 4.45
N GLY B 55 -8.92 -7.97 3.50
CA GLY B 55 -8.51 -7.28 2.27
C GLY B 55 -7.38 -7.86 1.48
N VAL B 56 -6.59 -6.95 0.90
CA VAL B 56 -5.50 -7.31 0.01
C VAL B 56 -4.49 -8.21 0.69
N ALA B 57 -4.10 -7.84 1.92
CA ALA B 57 -3.07 -8.59 2.66
C ALA B 57 -3.49 -10.05 2.85
N GLY B 58 -4.75 -10.25 3.21
CA GLY B 58 -5.28 -11.59 3.43
C GLY B 58 -5.26 -12.40 2.14
N ALA B 59 -5.58 -11.72 1.04
CA ALA B 59 -5.60 -12.37 -0.29
C ALA B 59 -4.21 -12.78 -0.74
N LEU B 60 -3.22 -11.87 -0.60
CA LEU B 60 -1.82 -12.17 -0.93
C LEU B 60 -1.31 -13.34 -0.09
N ASN B 61 -1.55 -13.26 1.22
CA ASN B 61 -1.09 -14.33 2.08
C ASN B 61 -1.64 -15.72 1.70
N LYS B 62 -2.95 -15.81 1.51
CA LYS B 62 -3.58 -17.03 1.05
C LYS B 62 -2.93 -17.54 -0.23
N ALA B 63 -2.63 -16.66 -1.19
CA ALA B 63 -1.98 -17.06 -2.44
C ALA B 63 -0.57 -17.64 -2.29
N THR B 64 0.09 -17.27 -1.19
CA THR B 64 1.43 -17.78 -0.85
C THR B 64 1.34 -19.01 0.06
N ASN B 65 0.14 -19.51 0.26
CA ASN B 65 -0.09 -20.63 1.20
C ASN B 65 0.46 -20.37 2.61
N GLY B 66 0.29 -19.13 3.09
CA GLY B 66 0.76 -18.76 4.44
C GLY B 66 2.25 -18.43 4.59
N ALA B 67 3.01 -18.53 3.51
CA ALA B 67 4.45 -18.23 3.59
C ALA B 67 4.70 -16.76 3.89
N MSE B 68 3.82 -15.88 3.37
CA MSE B 68 3.97 -14.46 3.60
C MSE B 68 3.84 -14.15 5.11
O MSE B 68 4.65 -13.42 5.67
CB MSE B 68 2.97 -13.64 2.79
CG MSE B 68 3.02 -12.17 3.16
SE MSE B 68 1.80 -11.24 1.92
CE MSE B 68 2.91 -11.43 0.35
N GLN B 69 2.81 -14.74 5.73
CA GLN B 69 2.57 -14.48 7.14
C GLN B 69 3.74 -14.93 8.03
N LYS B 70 4.28 -16.10 7.73
CA LYS B 70 5.43 -16.63 8.47
C LYS B 70 6.66 -15.72 8.27
N GLU B 71 6.90 -15.27 7.05
CA GLU B 71 8.01 -14.36 6.81
C GLU B 71 7.82 -13.05 7.58
N SER B 72 6.61 -12.51 7.50
CA SER B 72 6.27 -11.29 8.23
C SER B 72 6.46 -11.45 9.74
N ASP B 73 6.03 -12.61 10.28
CA ASP B 73 6.15 -12.88 11.73
C ASP B 73 7.61 -12.83 12.19
N ASP B 74 8.47 -13.47 11.40
CA ASP B 74 9.93 -13.46 11.64
C ASP B 74 10.49 -12.06 11.58
N TYR B 75 10.03 -11.29 10.61
CA TYR B 75 10.49 -9.93 10.46
C TYR B 75 10.13 -9.12 11.72
N ILE B 76 8.86 -9.18 12.13
CA ILE B 76 8.35 -8.40 13.26
C ILE B 76 8.99 -8.89 14.57
N LYS B 77 9.22 -10.19 14.69
CA LYS B 77 9.88 -10.71 15.91
C LYS B 77 11.23 -10.04 16.11
N LEU B 78 12.01 -9.93 15.05
CA LEU B 78 13.35 -9.37 15.11
C LEU B 78 13.37 -7.85 15.19
N ASN B 79 12.40 -7.20 14.54
CA ASN B 79 12.43 -5.76 14.35
C ASN B 79 11.42 -4.96 15.16
N GLY B 80 10.38 -5.62 15.67
CA GLY B 80 9.25 -4.89 16.28
C GLY B 80 8.35 -4.30 15.21
N PRO B 81 7.24 -3.64 15.61
CA PRO B 81 6.27 -3.18 14.61
C PRO B 81 6.78 -2.03 13.75
N LEU B 82 6.17 -1.87 12.58
CA LEU B 82 6.43 -0.72 11.75
C LEU B 82 5.77 0.53 12.36
N THR B 83 5.96 1.68 11.72
CA THR B 83 5.13 2.84 12.04
C THR B 83 4.21 3.10 10.85
N VAL B 84 3.11 3.79 11.14
CA VAL B 84 2.15 4.18 10.11
C VAL B 84 2.86 5.08 9.11
N GLY B 85 2.71 4.74 7.82
CA GLY B 85 3.41 5.45 6.75
C GLY B 85 4.71 4.79 6.36
N GLY B 86 5.14 3.80 7.14
CA GLY B 86 6.40 3.10 6.89
C GLY B 86 6.20 1.89 6.00
N SER B 87 7.30 1.22 5.63
CA SER B 87 7.24 0.03 4.78
C SER B 87 8.37 -0.93 5.15
N CYS B 88 8.25 -2.16 4.67
CA CYS B 88 9.38 -3.05 4.66
C CYS B 88 9.34 -3.89 3.38
N LEU B 89 10.51 -4.17 2.86
CA LEU B 89 10.65 -4.94 1.63
C LEU B 89 10.98 -6.39 1.94
N LEU B 90 10.05 -7.26 1.67
CA LEU B 90 10.19 -8.68 1.97
C LEU B 90 9.98 -9.52 0.69
N SER B 91 10.00 -10.84 0.83
CA SER B 91 9.90 -11.72 -0.34
C SER B 91 8.54 -11.60 -0.99
N GLY B 92 8.53 -11.67 -2.31
CA GLY B 92 7.29 -11.73 -3.07
C GLY B 92 6.77 -13.16 -3.24
N HIS B 93 7.54 -14.14 -2.73
CA HIS B 93 7.14 -15.55 -2.79
C HIS B 93 6.79 -15.94 -4.24
N ASN B 94 5.61 -16.53 -4.43
CA ASN B 94 5.22 -17.02 -5.76
C ASN B 94 4.49 -15.94 -6.55
N LEU B 95 4.36 -14.75 -5.97
CA LEU B 95 3.54 -13.72 -6.58
C LEU B 95 4.35 -12.67 -7.35
N ALA B 96 5.58 -12.44 -6.88
CA ALA B 96 6.45 -11.37 -7.36
C ALA B 96 7.83 -11.67 -6.82
N LYS B 97 8.84 -10.98 -7.33
CA LYS B 97 10.17 -11.08 -6.70
C LYS B 97 10.14 -10.53 -5.25
N LYS B 98 9.51 -9.38 -5.10
CA LYS B 98 9.45 -8.70 -3.79
C LYS B 98 8.02 -8.25 -3.46
N CYS B 99 7.74 -8.21 -2.16
CA CYS B 99 6.56 -7.54 -1.64
C CYS B 99 6.98 -6.34 -0.80
N LEU B 100 6.46 -5.18 -1.18
CA LEU B 100 6.66 -3.97 -0.42
C LEU B 100 5.41 -3.79 0.44
N HIS B 101 5.52 -4.15 1.72
CA HIS B 101 4.49 -3.92 2.71
C HIS B 101 4.50 -2.48 3.14
N VAL B 102 3.38 -1.81 2.92
CA VAL B 102 3.23 -0.41 3.24
C VAL B 102 2.03 -0.24 4.15
N VAL B 103 2.22 0.53 5.23
CA VAL B 103 1.14 0.77 6.18
C VAL B 103 0.47 2.12 5.96
N GLY B 104 -0.74 2.14 5.40
CA GLY B 104 -1.50 3.38 5.31
C GLY B 104 -2.12 3.71 6.68
N PRO B 105 -2.57 4.97 6.89
CA PRO B 105 -3.24 5.33 8.13
C PRO B 105 -4.61 4.67 8.22
N ASN B 106 -5.00 4.28 9.42
CA ASN B 106 -6.31 3.72 9.64
C ASN B 106 -7.22 4.88 10.10
N LEU B 107 -7.95 5.45 9.16
CA LEU B 107 -8.79 6.61 9.44
C LEU B 107 -9.86 6.32 10.49
N ASN B 108 -10.33 5.08 10.50
CA ASN B 108 -11.32 4.64 11.46
C ASN B 108 -10.82 4.66 12.88
N ALA B 109 -9.50 4.56 13.05
CA ALA B 109 -8.84 4.66 14.36
C ALA B 109 -8.38 6.10 14.64
N GLY B 110 -8.82 7.04 13.81
CA GLY B 110 -8.43 8.43 13.93
C GLY B 110 -7.00 8.77 13.52
N GLU B 111 -6.34 7.90 12.75
CA GLU B 111 -4.98 8.21 12.27
C GLU B 111 -5.00 9.28 11.17
N ASP B 112 -4.02 10.16 11.14
CA ASP B 112 -4.06 11.33 10.25
C ASP B 112 -3.90 10.92 8.78
N ILE B 113 -4.84 11.34 7.92
CA ILE B 113 -4.75 11.04 6.48
C ILE B 113 -3.47 11.60 5.86
N GLN B 114 -2.84 12.55 6.51
CA GLN B 114 -1.56 13.07 6.03
C GLN B 114 -0.49 11.98 5.92
N LEU B 115 -0.62 10.93 6.74
CA LEU B 115 0.30 9.81 6.68
C LEU B 115 0.12 8.96 5.43
N LEU B 116 -0.98 9.20 4.71
CA LEU B 116 -1.16 8.52 3.43
C LEU B 116 -0.14 9.03 2.41
N LYS B 117 0.22 10.32 2.48
CA LYS B 117 1.32 10.82 1.65
C LYS B 117 2.63 10.08 1.92
N ALA B 118 3.03 9.99 3.19
CA ALA B 118 4.21 9.19 3.57
C ALA B 118 4.16 7.74 3.08
N ALA B 119 2.98 7.11 3.26
CA ALA B 119 2.77 5.75 2.74
C ALA B 119 3.14 5.62 1.26
N TYR B 120 2.57 6.49 0.43
CA TYR B 120 2.76 6.42 -1.00
C TYR B 120 4.18 6.83 -1.39
N GLU B 121 4.83 7.65 -0.57
CA GLU B 121 6.22 8.04 -0.88
C GLU B 121 7.13 6.81 -0.95
N ASN B 122 6.79 5.77 -0.20
CA ASN B 122 7.51 4.49 -0.31
C ASN B 122 7.55 3.92 -1.72
N PHE B 123 6.54 4.20 -2.53
CA PHE B 123 6.46 3.59 -3.89
C PHE B 123 7.60 4.13 -4.74
N ASN B 124 8.10 5.31 -4.38
CA ASN B 124 9.14 5.97 -5.19
C ASN B 124 10.52 5.30 -5.12
N SER B 125 10.64 4.33 -4.22
CA SER B 125 11.84 3.54 -4.07
C SER B 125 11.95 2.48 -5.20
N GLN B 126 10.86 2.26 -5.95
CA GLN B 126 10.83 1.18 -6.94
C GLN B 126 10.33 1.69 -8.29
N ASP B 127 11.05 1.37 -9.36
CA ASP B 127 10.72 1.88 -10.69
C ASP B 127 9.32 1.50 -11.15
N ILE B 128 8.90 0.28 -10.83
CA ILE B 128 7.61 -0.23 -11.34
C ILE B 128 6.97 -1.20 -10.34
N LEU B 129 5.68 -0.99 -10.11
CA LEU B 129 4.99 -1.76 -9.03
C LEU B 129 3.58 -2.06 -9.41
N LEU B 130 3.09 -3.19 -8.88
CA LEU B 130 1.67 -3.55 -8.89
C LEU B 130 1.17 -3.30 -7.47
N ALA B 131 0.10 -2.51 -7.32
CA ALA B 131 -0.31 -2.02 -5.99
C ALA B 131 -1.84 -1.87 -5.85
N PRO B 132 -2.34 -1.93 -4.61
CA PRO B 132 -3.72 -1.57 -4.37
C PRO B 132 -3.84 -0.09 -3.94
N LEU B 133 -5.06 0.41 -3.79
CA LEU B 133 -5.26 1.75 -3.19
C LEU B 133 -5.11 1.70 -1.65
N LEU B 134 -4.02 2.26 -1.11
CA LEU B 134 -3.75 2.20 0.36
C LEU B 134 -4.85 2.86 1.17
N SER B 135 -5.23 2.24 2.30
CA SER B 135 -6.17 2.78 3.26
C SER B 135 -7.62 2.85 2.78
N ALA B 136 -7.87 2.42 1.55
CA ALA B 136 -9.19 2.61 0.92
C ALA B 136 -10.24 1.54 1.22
N GLY B 137 -9.87 0.49 1.96
CA GLY B 137 -10.80 -0.61 2.25
C GLY B 137 -11.10 -0.59 3.73
N ILE B 138 -10.53 -1.56 4.44
CA ILE B 138 -10.67 -1.70 5.91
C ILE B 138 -10.28 -0.43 6.68
N PHE B 139 -9.32 0.32 6.14
CA PHE B 139 -8.82 1.51 6.82
C PHE B 139 -9.66 2.77 6.64
N GLY B 140 -10.73 2.67 5.84
CA GLY B 140 -11.74 3.71 5.84
C GLY B 140 -11.51 5.01 5.11
N ALA B 141 -10.38 5.15 4.38
CA ALA B 141 -10.22 6.32 3.52
C ALA B 141 -11.18 6.25 2.35
N LYS B 142 -11.58 7.41 1.86
CA LYS B 142 -12.37 7.45 0.64
C LYS B 142 -11.42 7.01 -0.48
N PRO B 143 -11.83 6.01 -1.28
CA PRO B 143 -10.97 5.47 -2.35
C PRO B 143 -10.50 6.54 -3.32
N LEU B 144 -11.37 7.48 -3.67
CA LEU B 144 -10.95 8.52 -4.61
C LEU B 144 -9.93 9.48 -3.98
N GLN B 145 -9.97 9.65 -2.66
CA GLN B 145 -8.98 10.47 -1.97
C GLN B 145 -7.63 9.75 -1.95
N SER B 146 -7.65 8.45 -1.66
CA SER B 146 -6.42 7.66 -1.74
C SER B 146 -5.81 7.75 -3.14
N LEU B 147 -6.64 7.62 -4.17
CA LEU B 147 -6.12 7.70 -5.54
C LEU B 147 -5.53 9.07 -5.84
N GLN B 148 -6.18 10.13 -5.36
CA GLN B 148 -5.71 11.50 -5.54
C GLN B 148 -4.33 11.64 -4.90
N VAL B 149 -4.16 11.09 -3.70
CA VAL B 149 -2.85 11.15 -3.03
C VAL B 149 -1.77 10.38 -3.79
N CYS B 150 -2.14 9.21 -4.30
CA CYS B 150 -1.27 8.41 -5.15
C CYS B 150 -0.82 9.19 -6.37
N VAL B 151 -1.76 9.78 -7.10
CA VAL B 151 -1.42 10.53 -8.32
C VAL B 151 -0.50 11.74 -8.04
N GLN B 152 -0.74 12.43 -6.94
CA GLN B 152 0.08 13.57 -6.56
C GLN B 152 1.48 13.22 -6.00
N THR B 153 1.65 12.03 -5.46
CA THR B 153 2.84 11.68 -4.65
C THR B 153 3.77 10.76 -5.41
N VAL B 154 3.19 9.77 -6.07
CA VAL B 154 3.99 8.71 -6.69
C VAL B 154 4.51 9.15 -8.06
N ARG B 155 5.81 9.01 -8.25
CA ARG B 155 6.49 9.44 -9.47
C ARG B 155 6.90 8.27 -10.33
N THR B 156 6.87 7.08 -9.74
CA THR B 156 7.34 5.88 -10.45
C THR B 156 6.12 5.18 -11.11
N GLN B 157 6.37 4.11 -11.85
CA GLN B 157 5.31 3.49 -12.66
C GLN B 157 4.46 2.57 -11.80
N VAL B 158 3.25 3.02 -11.46
CA VAL B 158 2.40 2.22 -10.58
C VAL B 158 1.17 1.70 -11.35
N TYR B 159 0.89 0.42 -11.21
CA TYR B 159 -0.23 -0.23 -11.89
C TYR B 159 -1.14 -0.64 -10.76
N ILE B 160 -2.31 -0.02 -10.69
CA ILE B 160 -3.21 -0.20 -9.56
C ILE B 160 -4.29 -1.24 -9.94
N ALA B 161 -4.43 -2.27 -9.12
CA ALA B 161 -5.57 -3.20 -9.26
C ALA B 161 -6.64 -2.83 -8.22
N VAL B 162 -7.85 -2.57 -8.71
CA VAL B 162 -9.00 -2.42 -7.81
C VAL B 162 -10.03 -3.52 -8.10
N ASN B 163 -10.63 -4.09 -7.07
CA ASN B 163 -11.63 -5.15 -7.34
C ASN B 163 -13.08 -4.67 -7.18
N ASP B 164 -13.25 -3.38 -6.95
CA ASP B 164 -14.54 -2.75 -6.77
C ASP B 164 -14.99 -2.13 -8.11
N LYS B 165 -15.94 -2.77 -8.79
CA LYS B 165 -16.40 -2.31 -10.09
C LYS B 165 -16.98 -0.90 -10.03
N ALA B 166 -17.82 -0.60 -9.04
CA ALA B 166 -18.40 0.75 -8.95
C ALA B 166 -17.34 1.84 -8.81
N LEU B 167 -16.32 1.57 -7.99
CA LEU B 167 -15.19 2.48 -7.83
C LEU B 167 -14.45 2.72 -9.14
N TYR B 168 -14.09 1.60 -9.80
CA TYR B 168 -13.39 1.66 -11.06
C TYR B 168 -14.20 2.51 -12.05
N GLU B 169 -15.51 2.29 -12.11
CA GLU B 169 -16.31 3.08 -13.04
C GLU B 169 -16.36 4.55 -12.70
N GLN B 170 -16.33 4.89 -11.41
CA GLN B 170 -16.22 6.28 -10.97
C GLN B 170 -14.93 6.92 -11.47
N VAL B 171 -13.83 6.18 -11.39
CA VAL B 171 -12.55 6.64 -11.86
C VAL B 171 -12.57 6.86 -13.37
N VAL B 172 -13.17 5.93 -14.12
CA VAL B 172 -13.32 6.09 -15.57
C VAL B 172 -14.12 7.36 -15.90
N MSE B 173 -15.20 7.52 -15.22
CA MSE B 173 -16.02 8.72 -15.32
C MSE B 173 -15.22 10.02 -15.07
O MSE B 173 -15.33 10.99 -15.84
CB MSE B 173 -17.19 8.57 -14.36
CG MSE B 173 -18.23 9.62 -14.43
SE MSE B 173 -19.66 9.14 -13.16
CE MSE B 173 -20.32 7.54 -14.11
N ASP B 174 -14.40 10.04 -14.06
CA ASP B 174 -13.54 11.20 -13.81
C ASP B 174 -12.48 11.39 -14.91
N TYR B 175 -11.90 10.29 -15.40
CA TYR B 175 -11.05 10.31 -16.60
C TYR B 175 -11.75 10.96 -17.79
N LEU B 176 -12.97 10.51 -18.08
CA LEU B 176 -13.73 10.95 -19.26
C LEU B 176 -14.20 12.39 -19.13
N ASP B 177 -14.52 12.82 -17.91
CA ASP B 177 -14.81 14.23 -17.61
C ASP B 177 -13.63 15.18 -17.77
N ASN B 178 -12.41 14.69 -17.64
CA ASN B 178 -11.24 15.54 -17.79
C ASN B 178 -10.55 15.43 -19.16
N LEU B 179 -11.22 14.77 -20.10
CA LEU B 179 -10.69 14.59 -21.44
C LEU B 179 -10.93 15.82 -22.30
N PRO C 9 -36.24 8.82 33.45
CA PRO C 9 -36.04 7.44 33.96
C PRO C 9 -34.86 6.74 33.24
N VAL C 10 -33.91 6.21 33.99
CA VAL C 10 -32.76 5.52 33.37
C VAL C 10 -33.06 4.04 33.11
N ASN C 11 -32.33 3.46 32.15
CA ASN C 11 -32.32 2.03 31.87
C ASN C 11 -33.65 1.51 31.36
N GLN C 12 -34.23 2.21 30.39
CA GLN C 12 -35.50 1.83 29.77
C GLN C 12 -35.25 0.86 28.62
N PHE C 13 -34.87 -0.36 28.94
CA PHE C 13 -34.50 -1.36 27.94
C PHE C 13 -35.72 -2.21 27.55
N THR C 14 -36.10 -2.21 26.27
CA THR C 14 -37.19 -3.08 25.83
C THR C 14 -36.85 -3.81 24.54
N GLY C 15 -37.54 -4.93 24.30
CA GLY C 15 -37.39 -5.63 23.05
C GLY C 15 -36.11 -6.45 22.90
N TYR C 16 -35.52 -6.87 24.00
CA TYR C 16 -34.29 -7.68 23.95
C TYR C 16 -34.60 -9.16 24.04
N LEU C 17 -33.80 -9.95 23.34
CA LEU C 17 -33.78 -11.40 23.49
C LEU C 17 -32.75 -11.77 24.58
N LYS C 18 -33.21 -12.43 25.63
CA LYS C 18 -32.32 -12.83 26.72
C LYS C 18 -31.60 -14.12 26.36
N LEU C 19 -30.28 -14.04 26.19
CA LEU C 19 -29.46 -15.21 25.85
C LEU C 19 -29.06 -16.01 27.09
N THR C 20 -28.61 -15.29 28.10
CA THR C 20 -28.19 -15.90 29.35
C THR C 20 -28.73 -15.00 30.47
N ASP C 21 -28.47 -15.35 31.72
CA ASP C 21 -28.83 -14.46 32.84
C ASP C 21 -28.14 -13.08 32.77
N ASN C 22 -26.97 -13.03 32.16
CA ASN C 22 -26.19 -11.78 32.09
C ASN C 22 -26.31 -11.03 30.78
N VAL C 23 -26.72 -11.70 29.70
CA VAL C 23 -26.55 -11.12 28.36
C VAL C 23 -27.88 -11.13 27.57
N ALA C 24 -28.27 -9.97 27.09
CA ALA C 24 -29.45 -9.86 26.20
C ALA C 24 -29.03 -9.14 24.95
N ILE C 25 -29.79 -9.30 23.88
CA ILE C 25 -29.37 -8.80 22.56
C ILE C 25 -30.56 -8.26 21.79
N LYS C 26 -30.31 -7.20 21.05
CA LYS C 26 -31.35 -6.52 20.25
C LYS C 26 -30.69 -6.08 18.96
N CYS C 27 -31.42 -6.17 17.84
CA CYS C 27 -30.90 -5.66 16.56
C CYS C 27 -31.35 -4.19 16.40
N VAL C 28 -30.44 -3.23 16.60
CA VAL C 28 -30.79 -1.83 16.72
C VAL C 28 -29.50 -1.00 16.62
N ASP C 29 -29.61 0.23 16.14
CA ASP C 29 -28.50 1.15 16.06
C ASP C 29 -28.19 1.60 17.48
N ILE C 30 -26.95 1.45 17.93
CA ILE C 30 -26.66 1.76 19.35
C ILE C 30 -26.97 3.22 19.78
N VAL C 31 -26.79 4.18 18.86
CA VAL C 31 -27.05 5.59 19.16
C VAL C 31 -28.55 5.79 19.37
N LYS C 32 -29.36 5.20 18.50
CA LYS C 32 -30.84 5.28 18.63
C LYS C 32 -31.31 4.57 19.90
N GLU C 33 -30.69 3.43 20.19
CA GLU C 33 -30.98 2.69 21.40
C GLU C 33 -30.66 3.47 22.70
N ALA C 34 -29.53 4.16 22.72
CA ALA C 34 -29.11 5.01 23.85
C ALA C 34 -30.14 6.12 24.08
N GLN C 35 -30.55 6.75 22.99
CA GLN C 35 -31.55 7.82 23.03
C GLN C 35 -32.88 7.31 23.58
N SER C 36 -33.25 6.10 23.19
CA SER C 36 -34.46 5.50 23.70
C SER C 36 -34.34 4.93 25.14
N ALA C 37 -33.21 4.32 25.48
CA ALA C 37 -33.09 3.64 26.77
C ALA C 37 -32.61 4.51 27.91
N ASN C 38 -31.97 5.63 27.60
CA ASN C 38 -31.29 6.44 28.63
C ASN C 38 -30.49 5.55 29.61
N PRO C 39 -29.46 4.86 29.11
CA PRO C 39 -28.80 3.90 30.00
C PRO C 39 -27.90 4.63 31.00
N MSE C 40 -27.63 3.99 32.13
CA MSE C 40 -26.67 4.48 33.11
C MSE C 40 -25.28 4.46 32.50
O MSE C 40 -24.52 5.43 32.68
CB MSE C 40 -26.72 3.64 34.39
CG MSE C 40 -27.96 3.94 35.22
SE MSE C 40 -27.65 5.60 36.18
CE MSE C 40 -26.51 4.82 37.60
N VAL C 41 -24.97 3.41 31.71
CA VAL C 41 -23.61 3.24 31.16
C VAL C 41 -23.72 2.82 29.69
N ILE C 42 -23.01 3.51 28.82
CA ILE C 42 -22.82 3.03 27.46
C ILE C 42 -21.36 2.67 27.26
N VAL C 43 -21.10 1.56 26.57
CA VAL C 43 -19.72 1.13 26.30
C VAL C 43 -19.31 1.68 24.95
N ASN C 44 -18.17 2.36 24.91
CA ASN C 44 -17.57 2.73 23.64
C ASN C 44 -16.51 1.71 23.21
N ALA C 45 -16.54 1.31 21.94
CA ALA C 45 -15.52 0.45 21.34
C ALA C 45 -14.34 1.35 21.01
N ALA C 46 -13.51 1.61 22.02
CA ALA C 46 -12.43 2.60 21.92
C ALA C 46 -11.11 2.01 21.39
N ASN C 47 -10.17 2.90 21.10
CA ASN C 47 -8.74 2.52 20.93
C ASN C 47 -7.89 3.20 22.04
N ILE C 48 -6.59 2.90 22.08
CA ILE C 48 -5.79 3.33 23.26
C ILE C 48 -5.59 4.85 23.32
N HIS C 49 -5.84 5.52 22.20
CA HIS C 49 -5.67 6.99 22.10
C HIS C 49 -7.00 7.74 22.26
N LEU C 50 -8.07 6.99 22.51
CA LEU C 50 -9.44 7.53 22.49
C LEU C 50 -9.65 8.49 21.29
N LYS C 51 -9.18 8.09 20.12
CA LYS C 51 -9.42 8.90 18.92
C LYS C 51 -10.62 8.27 18.25
N HIS C 52 -11.75 8.96 18.22
CA HIS C 52 -13.01 8.36 17.83
C HIS C 52 -13.27 8.59 16.33
N GLY C 53 -12.58 7.83 15.50
CA GLY C 53 -12.52 8.15 14.08
C GLY C 53 -13.68 7.59 13.29
N GLY C 54 -14.08 6.35 13.59
CA GLY C 54 -15.03 5.63 12.75
C GLY C 54 -15.75 4.59 13.56
N GLY C 55 -16.62 3.83 12.89
CA GLY C 55 -17.34 2.73 13.54
C GLY C 55 -18.19 3.21 14.70
N VAL C 56 -18.27 2.42 15.77
CA VAL C 56 -19.10 2.77 16.92
C VAL C 56 -18.57 4.07 17.56
N ALA C 57 -17.26 4.14 17.78
CA ALA C 57 -16.68 5.31 18.45
C ALA C 57 -16.98 6.62 17.66
N GLY C 58 -16.83 6.58 16.34
CA GLY C 58 -17.19 7.71 15.48
C GLY C 58 -18.66 8.08 15.59
N ALA C 59 -19.54 7.06 15.64
CA ALA C 59 -20.98 7.28 15.72
C ALA C 59 -21.37 7.97 17.04
N LEU C 60 -20.87 7.41 18.14
CA LEU C 60 -21.10 8.00 19.46
C LEU C 60 -20.59 9.43 19.51
N ASN C 61 -19.34 9.66 19.10
CA ASN C 61 -18.78 11.01 19.16
C ASN C 61 -19.62 12.00 18.35
N LYS C 62 -20.01 11.63 17.13
CA LYS C 62 -20.86 12.54 16.32
C LYS C 62 -22.17 12.86 17.01
N ALA C 63 -22.81 11.88 17.64
CA ALA C 63 -24.05 12.10 18.39
C ALA C 63 -23.86 13.09 19.56
N THR C 64 -22.64 13.19 20.06
CA THR C 64 -22.34 14.19 21.10
C THR C 64 -21.88 15.55 20.56
N ASN C 65 -21.93 15.72 19.24
CA ASN C 65 -21.36 16.90 18.55
C ASN C 65 -19.91 17.16 18.98
N GLY C 66 -19.15 16.10 19.19
CA GLY C 66 -17.74 16.26 19.47
C GLY C 66 -17.38 16.45 20.92
N ALA C 67 -18.38 16.45 21.81
CA ALA C 67 -18.18 16.56 23.29
C ALA C 67 -17.34 15.39 23.81
N MSE C 68 -17.67 14.18 23.32
CA MSE C 68 -16.94 13.00 23.71
C MSE C 68 -15.46 13.09 23.35
O MSE C 68 -14.60 12.83 24.18
CB MSE C 68 -17.58 11.76 23.14
CG MSE C 68 -16.77 10.49 23.43
SE MSE C 68 -17.70 8.95 22.72
CE MSE C 68 -19.20 8.81 23.96
N GLN C 69 -15.17 13.51 22.13
CA GLN C 69 -13.76 13.68 21.72
C GLN C 69 -13.02 14.71 22.57
N LYS C 70 -13.66 15.82 22.89
CA LYS C 70 -13.01 16.83 23.70
C LYS C 70 -12.65 16.26 25.09
N GLU C 71 -13.63 15.60 25.73
CA GLU C 71 -13.40 14.96 27.03
C GLU C 71 -12.30 13.89 26.95
N SER C 72 -12.35 13.11 25.90
CA SER C 72 -11.34 12.09 25.66
C SER C 72 -9.94 12.70 25.48
N ASP C 73 -9.86 13.75 24.67
CA ASP C 73 -8.59 14.45 24.43
C ASP C 73 -7.98 14.89 25.77
N ASP C 74 -8.82 15.48 26.64
CA ASP C 74 -8.38 15.93 27.96
C ASP C 74 -7.91 14.78 28.83
N TYR C 75 -8.66 13.67 28.78
CA TYR C 75 -8.30 12.46 29.52
C TYR C 75 -6.90 11.98 29.12
N ILE C 76 -6.65 11.88 27.82
CA ILE C 76 -5.35 11.43 27.32
C ILE C 76 -4.20 12.39 27.68
N LYS C 77 -4.45 13.68 27.55
CA LYS C 77 -3.44 14.69 27.91
C LYS C 77 -3.02 14.55 29.37
N LEU C 78 -3.98 14.29 30.25
CA LEU C 78 -3.65 14.20 31.66
C LEU C 78 -3.11 12.84 32.09
N ASN C 79 -3.68 11.77 31.54
CA ASN C 79 -3.50 10.43 32.02
C ASN C 79 -2.73 9.49 31.09
N GLY C 80 -2.55 9.91 29.84
CA GLY C 80 -1.83 9.10 28.86
C GLY C 80 -2.70 8.01 28.24
N PRO C 81 -2.19 7.35 27.19
CA PRO C 81 -2.98 6.29 26.49
C PRO C 81 -3.37 5.11 27.39
N LEU C 82 -4.42 4.41 27.00
CA LEU C 82 -4.85 3.16 27.64
C LEU C 82 -4.00 2.00 27.12
N THR C 83 -4.30 0.79 27.56
CA THR C 83 -3.72 -0.40 26.93
C THR C 83 -4.85 -1.24 26.35
N VAL C 84 -4.51 -2.08 25.40
CA VAL C 84 -5.50 -3.00 24.87
C VAL C 84 -5.94 -3.91 26.01
N GLY C 85 -7.27 -4.05 26.14
CA GLY C 85 -7.84 -4.84 27.23
C GLY C 85 -8.21 -3.96 28.41
N GLY C 86 -7.85 -2.68 28.32
CA GLY C 86 -8.09 -1.71 29.38
C GLY C 86 -9.36 -0.90 29.15
N SER C 87 -9.74 -0.10 30.14
CA SER C 87 -10.88 0.82 30.01
C SER C 87 -10.71 2.01 30.93
N CYS C 88 -11.44 3.08 30.62
CA CYS C 88 -11.63 4.19 31.55
C CYS C 88 -13.09 4.63 31.51
N LEU C 89 -13.55 5.17 32.62
CA LEU C 89 -14.90 5.71 32.73
C LEU C 89 -14.90 7.21 32.54
N LEU C 90 -15.70 7.69 31.59
CA LEU C 90 -15.84 9.12 31.33
C LEU C 90 -17.32 9.48 31.27
N SER C 91 -17.63 10.72 30.89
CA SER C 91 -19.03 11.12 30.79
C SER C 91 -19.74 10.37 29.62
N GLY C 92 -21.03 10.13 29.76
CA GLY C 92 -21.81 9.58 28.64
C GLY C 92 -22.48 10.71 27.84
N HIS C 93 -22.28 11.97 28.27
CA HIS C 93 -22.80 13.14 27.58
C HIS C 93 -24.31 13.06 27.42
N ASN C 94 -24.83 13.35 26.22
CA ASN C 94 -26.27 13.29 26.00
C ASN C 94 -26.74 11.87 25.67
N LEU C 95 -25.83 10.88 25.68
CA LEU C 95 -26.19 9.50 25.32
C LEU C 95 -26.52 8.58 26.51
N ALA C 96 -25.84 8.81 27.63
CA ALA C 96 -25.90 7.97 28.82
C ALA C 96 -25.38 8.80 29.96
N LYS C 97 -25.57 8.36 31.20
CA LYS C 97 -24.89 9.06 32.30
C LYS C 97 -23.38 8.92 32.17
N LYS C 98 -22.91 7.69 31.96
CA LYS C 98 -21.47 7.41 31.90
C LYS C 98 -21.12 6.71 30.60
N CYS C 99 -19.87 6.86 30.16
CA CYS C 99 -19.38 6.04 29.07
C CYS C 99 -18.14 5.27 29.52
N LEU C 100 -18.20 3.94 29.40
CA LEU C 100 -17.06 3.07 29.68
C LEU C 100 -16.32 2.84 28.37
N HIS C 101 -15.19 3.51 28.20
CA HIS C 101 -14.37 3.33 26.98
C HIS C 101 -13.54 2.06 27.13
N VAL C 102 -13.91 1.01 26.39
CA VAL C 102 -13.22 -0.28 26.51
C VAL C 102 -12.41 -0.53 25.25
N VAL C 103 -11.14 -0.88 25.43
CA VAL C 103 -10.27 -1.13 24.28
C VAL C 103 -10.16 -2.64 23.99
N GLY C 104 -10.92 -3.12 23.02
CA GLY C 104 -10.80 -4.48 22.53
C GLY C 104 -9.66 -4.52 21.51
N PRO C 105 -9.03 -5.70 21.30
CA PRO C 105 -7.99 -5.81 20.28
C PRO C 105 -8.58 -5.54 18.87
N ASN C 106 -7.92 -4.70 18.10
CA ASN C 106 -8.27 -4.42 16.72
C ASN C 106 -7.34 -5.28 15.83
N LEU C 107 -7.92 -6.33 15.28
CA LEU C 107 -7.18 -7.30 14.47
C LEU C 107 -6.64 -6.61 13.23
N ASN C 108 -7.33 -5.56 12.78
CA ASN C 108 -6.91 -4.76 11.65
C ASN C 108 -5.80 -3.76 11.95
N ALA C 109 -5.45 -3.64 13.22
CA ALA C 109 -4.30 -2.84 13.58
C ALA C 109 -3.19 -3.79 14.00
N GLY C 110 -3.37 -5.07 13.72
CA GLY C 110 -2.39 -6.11 14.05
C GLY C 110 -2.41 -6.60 15.49
N GLU C 111 -3.52 -6.37 16.21
CA GLU C 111 -3.60 -6.76 17.62
C GLU C 111 -4.15 -8.17 17.86
N ASP C 112 -3.86 -8.69 19.04
CA ASP C 112 -4.07 -10.10 19.35
C ASP C 112 -5.48 -10.43 19.86
N ILE C 113 -6.21 -11.29 19.13
CA ILE C 113 -7.58 -11.69 19.53
C ILE C 113 -7.65 -12.26 20.96
N GLN C 114 -6.55 -12.77 21.45
CA GLN C 114 -6.57 -13.40 22.79
C GLN C 114 -6.83 -12.39 23.90
N LEU C 115 -6.66 -11.10 23.61
CA LEU C 115 -6.95 -10.03 24.57
C LEU C 115 -8.44 -9.69 24.73
N LEU C 116 -9.30 -10.38 23.99
CA LEU C 116 -10.75 -10.12 24.02
C LEU C 116 -11.40 -10.40 25.39
N LYS C 117 -10.98 -11.46 26.06
CA LYS C 117 -11.50 -11.73 27.41
C LYS C 117 -11.20 -10.59 28.38
N ALA C 118 -9.95 -10.15 28.40
CA ALA C 118 -9.57 -9.07 29.29
C ALA C 118 -10.41 -7.83 29.02
N ALA C 119 -10.66 -7.55 27.74
CA ALA C 119 -11.44 -6.40 27.38
C ALA C 119 -12.88 -6.53 27.96
N TYR C 120 -13.50 -7.71 27.78
CA TYR C 120 -14.84 -7.94 28.36
C TYR C 120 -14.87 -7.92 29.88
N GLU C 121 -13.75 -8.26 30.53
CA GLU C 121 -13.66 -8.17 32.00
C GLU C 121 -13.98 -6.77 32.52
N ASN C 122 -13.69 -5.73 31.74
CA ASN C 122 -14.06 -4.37 32.15
C ASN C 122 -15.56 -4.17 32.36
N PHE C 123 -16.39 -4.96 31.67
CA PHE C 123 -17.84 -4.83 31.82
C PHE C 123 -18.27 -5.14 33.25
N ASN C 124 -17.52 -6.01 33.91
CA ASN C 124 -17.84 -6.43 35.31
C ASN C 124 -17.67 -5.30 36.31
N SER C 125 -17.09 -4.19 35.88
CA SER C 125 -16.95 -3.01 36.75
C SER C 125 -18.22 -2.16 36.86
N GLN C 126 -19.20 -2.40 36.01
CA GLN C 126 -20.46 -1.68 36.08
C GLN C 126 -21.64 -2.67 36.15
N ASP C 127 -22.70 -2.31 36.86
CA ASP C 127 -23.82 -3.25 37.01
C ASP C 127 -24.72 -3.47 35.77
N ILE C 128 -24.93 -2.41 35.00
CA ILE C 128 -25.81 -2.43 33.83
C ILE C 128 -25.20 -1.65 32.72
N LEU C 129 -25.05 -2.28 31.57
CA LEU C 129 -24.35 -1.64 30.44
C LEU C 129 -25.12 -1.82 29.12
N LEU C 130 -25.18 -0.75 28.32
CA LEU C 130 -25.52 -0.89 26.89
C LEU C 130 -24.21 -0.95 26.09
N ALA C 131 -24.06 -1.96 25.22
CA ALA C 131 -22.75 -2.16 24.59
C ALA C 131 -22.83 -2.77 23.17
N PRO C 132 -21.84 -2.48 22.33
CA PRO C 132 -21.65 -3.19 21.06
C PRO C 132 -20.87 -4.47 21.34
N LEU C 133 -20.76 -5.38 20.36
CA LEU C 133 -19.81 -6.50 20.52
C LEU C 133 -18.40 -5.97 20.34
N LEU C 134 -17.53 -6.21 21.32
CA LEU C 134 -16.16 -5.76 21.22
C LEU C 134 -15.39 -6.49 20.12
N SER C 135 -14.48 -5.74 19.52
CA SER C 135 -13.58 -6.21 18.48
C SER C 135 -14.30 -6.63 17.17
N ALA C 136 -15.63 -6.45 17.09
CA ALA C 136 -16.36 -6.81 15.87
C ALA C 136 -16.36 -5.63 14.89
N GLY C 137 -17.08 -5.81 13.76
CA GLY C 137 -17.14 -4.77 12.73
C GLY C 137 -15.76 -4.41 12.23
N ILE C 138 -15.42 -3.14 12.30
CA ILE C 138 -14.18 -2.66 11.73
C ILE C 138 -12.96 -3.08 12.51
N PHE C 139 -13.16 -3.64 13.71
CA PHE C 139 -12.03 -4.21 14.46
C PHE C 139 -11.68 -5.62 13.95
N GLY C 140 -12.52 -6.17 13.09
CA GLY C 140 -12.16 -7.39 12.34
C GLY C 140 -12.31 -8.76 13.00
N ALA C 141 -12.72 -8.82 14.27
CA ALA C 141 -13.06 -10.14 14.84
C ALA C 141 -14.43 -10.65 14.37
N LYS C 142 -14.63 -11.98 14.43
CA LYS C 142 -15.90 -12.60 14.10
C LYS C 142 -16.93 -12.24 15.17
N PRO C 143 -18.08 -11.62 14.79
CA PRO C 143 -19.05 -11.20 15.83
C PRO C 143 -19.53 -12.38 16.70
N LEU C 144 -19.71 -13.56 16.10
CA LEU C 144 -20.21 -14.70 16.87
C LEU C 144 -19.17 -15.13 17.90
N GLN C 145 -17.89 -15.02 17.54
CA GLN C 145 -16.79 -15.28 18.50
C GLN C 145 -16.78 -14.24 19.66
N SER C 146 -16.92 -12.97 19.30
CA SER C 146 -16.97 -11.93 20.34
C SER C 146 -18.12 -12.17 21.30
N LEU C 147 -19.29 -12.56 20.76
CA LEU C 147 -20.45 -12.86 21.57
C LEU C 147 -20.19 -14.02 22.55
N GLN C 148 -19.50 -15.04 22.06
CA GLN C 148 -19.13 -16.20 22.88
C GLN C 148 -18.28 -15.76 24.05
N VAL C 149 -17.22 -14.98 23.76
CA VAL C 149 -16.40 -14.47 24.86
C VAL C 149 -17.24 -13.62 25.81
N CYS C 150 -18.13 -12.79 25.29
CA CYS C 150 -19.02 -12.00 26.14
C CYS C 150 -19.81 -12.84 27.12
N VAL C 151 -20.46 -13.89 26.62
CA VAL C 151 -21.31 -14.72 27.45
C VAL C 151 -20.49 -15.44 28.52
N GLN C 152 -19.28 -15.82 28.15
CA GLN C 152 -18.36 -16.58 29.02
C GLN C 152 -17.74 -15.68 30.10
N THR C 153 -17.69 -14.36 29.87
CA THR C 153 -16.84 -13.48 30.68
C THR C 153 -17.66 -12.51 31.55
N VAL C 154 -18.73 -11.95 30.97
CA VAL C 154 -19.49 -10.93 31.67
C VAL C 154 -20.42 -11.50 32.74
N ARG C 155 -20.26 -11.01 33.97
CA ARG C 155 -21.12 -11.40 35.10
C ARG C 155 -22.18 -10.38 35.51
N THR C 156 -22.09 -9.18 34.95
CA THR C 156 -23.09 -8.16 35.24
C THR C 156 -24.15 -8.24 34.13
N GLN C 157 -25.00 -7.23 34.00
CA GLN C 157 -26.13 -7.27 33.08
C GLN C 157 -25.80 -6.41 31.84
N VAL C 158 -25.58 -7.06 30.70
CA VAL C 158 -25.22 -6.35 29.49
C VAL C 158 -26.35 -6.50 28.49
N TYR C 159 -26.66 -5.39 27.85
CA TYR C 159 -27.64 -5.30 26.77
C TYR C 159 -26.81 -4.98 25.53
N ILE C 160 -26.73 -5.95 24.62
CA ILE C 160 -25.92 -5.85 23.42
C ILE C 160 -26.75 -5.32 22.27
N ALA C 161 -26.25 -4.27 21.61
CA ALA C 161 -26.90 -3.74 20.41
C ALA C 161 -26.08 -4.13 19.19
N VAL C 162 -26.71 -4.81 18.24
CA VAL C 162 -26.02 -5.13 16.98
C VAL C 162 -26.84 -4.51 15.83
N ASN C 163 -26.17 -3.91 14.88
CA ASN C 163 -26.93 -3.25 13.81
C ASN C 163 -26.84 -3.96 12.47
N ASP C 164 -26.72 -5.28 12.52
CA ASP C 164 -26.79 -6.11 11.31
C ASP C 164 -27.80 -7.22 11.51
N LYS C 165 -28.89 -7.14 10.76
CA LYS C 165 -29.98 -8.10 10.81
C LYS C 165 -29.52 -9.51 10.49
N ALA C 166 -28.57 -9.64 9.58
CA ALA C 166 -28.00 -10.94 9.18
C ALA C 166 -27.33 -11.65 10.36
N LEU C 167 -26.52 -10.92 11.11
CA LEU C 167 -25.90 -11.49 12.34
C LEU C 167 -26.96 -11.80 13.42
N TYR C 168 -27.92 -10.90 13.58
CA TYR C 168 -28.96 -11.14 14.56
C TYR C 168 -29.66 -12.48 14.30
N GLU C 169 -29.88 -12.81 13.03
CA GLU C 169 -30.57 -14.06 12.74
C GLU C 169 -29.70 -15.27 13.08
N GLN C 170 -28.39 -15.14 12.89
CA GLN C 170 -27.47 -16.22 13.30
C GLN C 170 -27.55 -16.46 14.82
N VAL C 171 -27.63 -15.37 15.58
CA VAL C 171 -27.73 -15.44 17.04
C VAL C 171 -29.02 -16.13 17.48
N VAL C 172 -30.13 -15.79 16.82
CA VAL C 172 -31.41 -16.46 17.11
C VAL C 172 -31.33 -17.94 16.84
N MSE C 173 -30.73 -18.33 15.72
CA MSE C 173 -30.54 -19.77 15.41
C MSE C 173 -29.75 -20.45 16.54
O MSE C 173 -30.15 -21.48 17.08
CB MSE C 173 -29.83 -19.97 14.07
CG MSE C 173 -30.64 -19.56 12.85
SE MSE C 173 -32.33 -20.58 12.75
CE MSE C 173 -33.50 -19.27 13.65
N ASP C 174 -28.63 -19.85 16.92
CA ASP C 174 -27.82 -20.41 18.01
C ASP C 174 -28.56 -20.52 19.30
N TYR C 175 -29.38 -19.52 19.60
CA TYR C 175 -30.15 -19.51 20.84
C TYR C 175 -31.17 -20.65 20.84
N LEU C 176 -31.80 -20.87 19.68
CA LEU C 176 -32.77 -21.96 19.56
C LEU C 176 -32.12 -23.32 19.75
N ASP C 177 -30.96 -23.52 19.14
CA ASP C 177 -30.21 -24.77 19.29
C ASP C 177 -29.80 -25.03 20.74
N ASN C 178 -29.49 -23.98 21.50
CA ASN C 178 -29.14 -24.12 22.92
C ASN C 178 -30.34 -24.34 23.85
N LEU C 179 -31.55 -24.09 23.35
CA LEU C 179 -32.76 -24.16 24.19
C LEU C 179 -33.21 -25.61 24.44
N1 APR D . -7.86 -7.13 -5.23
C2 APR D . -7.84 -5.82 -5.56
N3 APR D . -8.26 -4.87 -4.69
C4 APR D . -8.68 -5.25 -3.44
C5 APR D . -8.68 -6.64 -3.01
C6 APR D . -8.22 -7.61 -4.01
N6 APR D . -8.18 -8.93 -3.71
N7 APR D . -9.13 -6.69 -1.71
C8 APR D . -9.40 -5.41 -1.36
N9 APR D . -9.15 -4.56 -2.39
C1' APR D . -9.24 -3.09 -2.45
C2' APR D . -10.13 -2.42 -1.42
O2' APR D . -11.46 -2.31 -1.92
C3' APR D . -9.45 -1.05 -1.29
O3' APR D . -9.78 -0.17 -2.41
O4' APR D . -7.92 -2.67 -2.12
C4' APR D . -7.98 -1.42 -1.42
C5' APR D . -7.30 -1.51 -0.03
O5' APR D . -8.14 -2.26 0.85
PA APR D . -7.54 -3.08 2.08
O1A APR D . -6.76 -4.24 1.52
O2A APR D . -8.72 -3.33 3.00
O3A APR D . -6.41 -2.12 2.71
PB APR D . -6.47 -0.98 3.84
O1B APR D . -5.15 -0.24 3.70
O2B APR D . -7.76 -0.21 3.76
O5D APR D . -6.55 -1.80 5.21
C5D APR D . -5.41 -2.49 5.72
O4D APR D . -6.61 -4.54 6.02
O1D APR D . -6.13 -6.64 5.10
O1D APR D . -6.75 -6.50 7.33
C1D APR D . -6.05 -5.84 6.26
O2D APR D . -3.95 -6.60 7.26
C2D APR D . -4.60 -5.51 6.60
O3D APR D . -5.06 -4.47 8.77
C3D APR D . -4.71 -4.22 7.40
C4D APR D . -5.90 -3.53 6.73
#